data_4Y0V
#
_entry.id   4Y0V
#
_cell.length_a   123.540
_cell.length_b   40.660
_cell.length_c   78.950
_cell.angle_alpha   90.000
_cell.angle_beta   97.450
_cell.angle_gamma   90.000
#
_symmetry.space_group_name_H-M   'C 1 2 1'
#
loop_
_entity.id
_entity.type
_entity.pdbx_description
1 polymer 'ADP-ribosylation factor 1'
2 non-polymer "GUANOSINE-5'-DIPHOSPHATE"
3 non-polymer 'MAGNESIUM ION'
4 water water
#
_entity_poly.entity_id   1
_entity_poly.type   'polypeptide(L)'
_entity_poly.pdbx_seq_one_letter_code
;GPGSMGSWLSKLLGKKEMRILMVGLDAAGKTSILYKLKLGEIVTTIPTIGFNVETVEYKNISFTVWDVGGQDKIRPLWRH
YYQNTQAIIFVVDSNDRDRIGEAREELMKMLNEDEMRNAILLVFANKHDLPQAMSISEVTEKLGLQTIKNRKWYCQTSCA
TNGDGLYEGLDWLADNLK
;
_entity_poly.pdbx_strand_id   A,B
#
loop_
_chem_comp.id
_chem_comp.type
_chem_comp.name
_chem_comp.formula
GDP RNA linking GUANOSINE-5'-DIPHOSPHATE 'C10 H15 N5 O11 P2'
MG non-polymer 'MAGNESIUM ION' 'Mg 2'
#
# COMPACT_ATOMS: atom_id res chain seq x y z
N SER A 7 -20.22 14.84 13.59
CA SER A 7 -21.25 15.34 12.70
C SER A 7 -21.60 14.31 11.64
N TRP A 8 -20.64 13.99 10.76
CA TRP A 8 -20.86 13.01 9.71
C TRP A 8 -20.97 11.60 10.31
N LEU A 9 -20.17 11.34 11.33
CA LEU A 9 -20.21 10.07 12.05
C LEU A 9 -21.62 9.72 12.52
N SER A 10 -22.36 10.71 13.03
CA SER A 10 -23.72 10.51 13.53
C SER A 10 -24.66 10.02 12.43
N LYS A 11 -24.61 10.66 11.26
CA LYS A 11 -25.55 10.35 10.19
C LYS A 11 -25.23 9.03 9.47
N LEU A 12 -23.96 8.60 9.52
CA LEU A 12 -23.58 7.37 8.85
C LEU A 12 -23.77 6.09 9.67
N LEU A 13 -23.66 6.21 10.99
CA LEU A 13 -23.74 5.02 11.86
C LEU A 13 -25.16 4.51 11.99
N GLY A 14 -25.30 3.19 12.01
CA GLY A 14 -26.60 2.56 12.17
C GLY A 14 -26.54 1.05 12.04
N LYS A 15 -27.68 0.43 11.76
CA LYS A 15 -27.76 -1.02 11.66
C LYS A 15 -27.48 -1.49 10.25
N LYS A 16 -27.77 -0.62 9.29
CA LYS A 16 -27.63 -0.99 7.88
C LYS A 16 -26.23 -0.66 7.38
N GLU A 17 -25.65 -1.60 6.63
CA GLU A 17 -24.29 -1.45 6.12
C GLU A 17 -24.19 -0.21 5.25
N MET A 18 -23.14 0.56 5.53
CA MET A 18 -22.84 1.78 4.80
C MET A 18 -21.53 1.56 4.07
N ARG A 19 -21.60 1.35 2.75
CA ARG A 19 -20.41 1.04 1.96
C ARG A 19 -19.94 2.21 1.08
N ILE A 20 -18.71 2.62 1.30
CA ILE A 20 -18.15 3.74 0.59
C ILE A 20 -16.96 3.27 -0.25
N LEU A 21 -16.93 3.64 -1.52
CA LEU A 21 -15.80 3.32 -2.39
C LEU A 21 -14.92 4.55 -2.57
N MET A 22 -13.65 4.43 -2.20
CA MET A 22 -12.75 5.55 -2.43
C MET A 22 -11.66 5.11 -3.41
N VAL A 23 -11.63 5.73 -4.60
CA VAL A 23 -10.64 5.36 -5.60
C VAL A 23 -10.02 6.63 -6.17
N GLY A 24 -9.04 6.42 -7.04
CA GLY A 24 -8.28 7.48 -7.67
C GLY A 24 -6.95 6.92 -8.18
N LEU A 25 -6.17 7.73 -8.87
CA LEU A 25 -4.94 7.21 -9.46
C LEU A 25 -3.97 6.91 -8.32
N ASP A 26 -2.93 6.14 -8.60
CA ASP A 26 -1.89 5.92 -7.60
C ASP A 26 -1.31 7.26 -7.15
N ALA A 27 -1.03 7.36 -5.84
CA ALA A 27 -0.37 8.50 -5.23
C ALA A 27 -1.26 9.72 -5.15
N ALA A 28 -2.58 9.52 -5.28
CA ALA A 28 -3.50 10.64 -5.09
C ALA A 28 -3.61 11.05 -3.60
N GLY A 29 -3.38 10.13 -2.67
CA GLY A 29 -3.51 10.43 -1.25
C GLY A 29 -4.56 9.62 -0.51
N LYS A 30 -4.97 8.51 -1.10
CA LYS A 30 -6.11 7.72 -0.60
C LYS A 30 -5.79 7.03 0.73
N THR A 31 -4.62 6.40 0.79
CA THR A 31 -4.18 5.79 2.03
C THR A 31 -4.02 6.83 3.15
N SER A 32 -3.42 7.96 2.82
CA SER A 32 -3.27 9.05 3.77
C SER A 32 -4.59 9.54 4.30
N ILE A 33 -5.60 9.60 3.43
CA ILE A 33 -6.93 9.96 3.89
C ILE A 33 -7.53 8.94 4.87
N LEU A 34 -7.52 7.66 4.50
CA LEU A 34 -7.98 6.60 5.39
C LEU A 34 -7.37 6.71 6.77
N TYR A 35 -6.08 6.99 6.80
CA TYR A 35 -5.38 6.97 8.06
C TYR A 35 -5.81 8.15 8.91
N LYS A 36 -6.02 9.29 8.25
CA LYS A 36 -6.37 10.54 8.93
C LYS A 36 -7.81 10.53 9.45
N LEU A 37 -8.58 9.53 9.06
CA LEU A 37 -9.96 9.41 9.53
C LEU A 37 -10.07 8.85 10.94
N LYS A 38 -9.06 8.06 11.33
CA LYS A 38 -8.99 7.48 12.67
C LYS A 38 -10.20 6.61 13.03
N LEU A 39 -10.66 5.79 12.08
CA LEU A 39 -11.79 4.91 12.34
C LEU A 39 -11.32 3.48 12.57
N GLY A 40 -10.01 3.31 12.70
CA GLY A 40 -9.49 1.98 12.90
C GLY A 40 -8.50 1.54 11.83
N GLU A 41 -8.06 0.30 11.95
CA GLU A 41 -6.93 -0.21 11.19
C GLU A 41 -7.19 -0.27 9.68
N ILE A 42 -6.18 0.09 8.90
CA ILE A 42 -6.20 -0.06 7.45
C ILE A 42 -5.73 -1.46 7.15
N VAL A 43 -6.58 -2.26 6.54
CA VAL A 43 -6.24 -3.65 6.25
C VAL A 43 -6.10 -3.83 4.76
N THR A 44 -4.98 -4.42 4.33
CA THR A 44 -4.78 -4.69 2.92
C THR A 44 -5.07 -6.14 2.58
N THR A 45 -5.91 -6.37 1.57
CA THR A 45 -6.05 -7.69 0.98
C THR A 45 -5.64 -7.71 -0.48
N ILE A 46 -5.36 -8.91 -1.00
CA ILE A 46 -5.04 -9.06 -2.41
C ILE A 46 -5.93 -10.16 -3.02
N PRO A 47 -7.12 -9.79 -3.49
CA PRO A 47 -8.03 -10.78 -4.07
C PRO A 47 -7.48 -11.43 -5.33
N THR A 48 -6.74 -10.68 -6.13
CA THR A 48 -5.90 -11.29 -7.15
C THR A 48 -4.59 -10.53 -7.22
N ILE A 49 -3.53 -11.18 -7.72
CA ILE A 49 -2.22 -10.58 -7.71
C ILE A 49 -2.24 -9.32 -8.57
N GLY A 50 -1.65 -8.26 -8.04
CA GLY A 50 -1.63 -6.97 -8.70
C GLY A 50 -2.80 -6.09 -8.36
N PHE A 51 -3.73 -6.61 -7.55
CA PHE A 51 -4.93 -5.86 -7.17
C PHE A 51 -4.99 -5.69 -5.66
N ASN A 52 -4.38 -4.62 -5.16
CA ASN A 52 -4.32 -4.39 -3.71
C ASN A 52 -5.51 -3.56 -3.25
N VAL A 53 -6.23 -4.08 -2.27
CA VAL A 53 -7.43 -3.44 -1.70
C VAL A 53 -7.19 -3.10 -0.26
N GLU A 54 -7.43 -1.85 0.11
CA GLU A 54 -7.33 -1.42 1.51
C GLU A 54 -8.72 -1.17 2.02
N THR A 55 -9.00 -1.65 3.23
CA THR A 55 -10.32 -1.56 3.85
CA THR A 55 -10.32 -1.45 3.81
C THR A 55 -10.22 -0.98 5.25
N VAL A 56 -11.12 -0.08 5.60
CA VAL A 56 -11.28 0.35 6.99
C VAL A 56 -12.72 0.03 7.32
N GLU A 57 -12.95 -0.72 8.40
CA GLU A 57 -14.30 -1.08 8.78
C GLU A 57 -14.57 -0.61 10.20
N TYR A 58 -15.58 0.23 10.36
CA TYR A 58 -15.90 0.73 11.68
C TYR A 58 -17.41 0.64 11.83
N LYS A 59 -17.82 -0.21 12.77
CA LYS A 59 -19.22 -0.53 13.02
C LYS A 59 -19.90 -0.91 11.71
N ASN A 60 -20.91 -0.16 11.27
CA ASN A 60 -21.59 -0.51 10.02
C ASN A 60 -20.92 0.10 8.79
N ILE A 61 -19.89 0.90 9.00
CA ILE A 61 -19.30 1.66 7.91
C ILE A 61 -18.07 0.98 7.37
N SER A 62 -18.05 0.83 6.05
CA SER A 62 -16.88 0.32 5.34
C SER A 62 -16.40 1.32 4.30
N PHE A 63 -15.10 1.58 4.34
CA PHE A 63 -14.40 2.29 3.29
C PHE A 63 -13.58 1.28 2.52
N THR A 64 -13.76 1.23 1.20
CA THR A 64 -12.97 0.31 0.37
C THR A 64 -12.16 1.10 -0.63
N VAL A 65 -10.84 0.85 -0.65
CA VAL A 65 -9.93 1.67 -1.43
C VAL A 65 -9.08 0.84 -2.39
N TRP A 66 -8.96 1.30 -3.63
CA TRP A 66 -7.94 0.78 -4.55
C TRP A 66 -7.53 1.82 -5.60
N ASP A 67 -6.39 1.58 -6.25
CA ASP A 67 -5.90 2.45 -7.33
C ASP A 67 -6.60 2.15 -8.65
N VAL A 68 -6.88 3.19 -9.44
CA VAL A 68 -7.41 2.98 -10.79
C VAL A 68 -6.43 3.56 -11.80
N GLY A 69 -6.63 3.22 -13.07
CA GLY A 69 -5.78 3.72 -14.12
C GLY A 69 -4.60 2.85 -14.52
N GLY A 70 -4.46 1.71 -13.87
CA GLY A 70 -3.37 0.79 -14.16
C GLY A 70 -3.40 0.21 -15.56
N LEU A 77 -13.68 -7.88 -12.30
CA LEU A 77 -13.45 -8.30 -10.91
C LEU A 77 -13.81 -7.19 -9.93
N TRP A 78 -13.53 -5.95 -10.31
CA TRP A 78 -13.86 -4.80 -9.50
C TRP A 78 -15.35 -4.77 -9.19
N ARG A 79 -16.16 -5.20 -10.16
CA ARG A 79 -17.61 -5.14 -10.08
C ARG A 79 -18.20 -5.83 -8.84
N HIS A 80 -17.44 -6.76 -8.27
CA HIS A 80 -17.85 -7.48 -7.06
C HIS A 80 -18.02 -6.53 -5.86
N TYR A 81 -17.10 -5.59 -5.72
CA TYR A 81 -17.08 -4.71 -4.55
C TYR A 81 -17.95 -3.48 -4.73
N TYR A 82 -18.75 -3.45 -5.80
CA TYR A 82 -19.64 -2.33 -6.07
C TYR A 82 -20.99 -2.50 -5.39
N GLN A 83 -21.26 -3.72 -4.93
CA GLN A 83 -22.56 -4.06 -4.36
C GLN A 83 -22.96 -3.14 -3.20
N ASN A 84 -24.12 -2.52 -3.33
CA ASN A 84 -24.68 -1.65 -2.30
C ASN A 84 -23.74 -0.54 -1.84
N THR A 85 -23.03 0.06 -2.80
CA THR A 85 -22.20 1.23 -2.59
C THR A 85 -23.11 2.46 -2.55
N GLN A 86 -22.96 3.30 -1.53
CA GLN A 86 -23.85 4.45 -1.37
C GLN A 86 -23.15 5.76 -1.74
N ALA A 87 -21.83 5.71 -1.76
CA ALA A 87 -21.02 6.88 -2.09
C ALA A 87 -19.72 6.47 -2.76
N ILE A 88 -19.30 7.29 -3.71
CA ILE A 88 -17.98 7.18 -4.31
C ILE A 88 -17.22 8.39 -3.84
N ILE A 89 -16.06 8.18 -3.23
CA ILE A 89 -15.10 9.26 -3.05
C ILE A 89 -14.05 9.08 -4.15
N PHE A 90 -13.86 10.10 -4.99
CA PHE A 90 -12.80 10.06 -5.98
C PHE A 90 -11.72 11.05 -5.55
N VAL A 91 -10.52 10.56 -5.26
CA VAL A 91 -9.44 11.43 -4.79
C VAL A 91 -8.55 11.80 -5.97
N VAL A 92 -8.24 13.09 -6.13
CA VAL A 92 -7.31 13.49 -7.19
C VAL A 92 -6.17 14.32 -6.60
N ASP A 93 -4.97 14.08 -7.12
CA ASP A 93 -3.82 14.94 -6.83
C ASP A 93 -3.97 16.25 -7.61
N SER A 94 -4.34 17.33 -6.93
CA SER A 94 -4.54 18.63 -7.58
CA SER A 94 -4.56 18.59 -7.64
C SER A 94 -3.26 19.19 -8.18
N ASN A 95 -2.13 18.64 -7.78
CA ASN A 95 -0.83 19.13 -8.26
C ASN A 95 -0.32 18.37 -9.48
N ASP A 96 -0.94 17.22 -9.79
CA ASP A 96 -0.53 16.36 -10.91
C ASP A 96 -1.27 16.74 -12.18
N ARG A 97 -0.83 17.82 -12.82
CA ARG A 97 -1.51 18.35 -13.97
C ARG A 97 -1.43 17.41 -15.17
N ASP A 98 -0.34 16.67 -15.29
CA ASP A 98 -0.15 15.79 -16.44
C ASP A 98 -1.14 14.61 -16.51
N ARG A 99 -1.67 14.19 -15.35
CA ARG A 99 -2.57 13.04 -15.32
C ARG A 99 -4.01 13.39 -14.96
N ILE A 100 -4.37 14.67 -15.02
CA ILE A 100 -5.75 15.06 -14.74
C ILE A 100 -6.68 14.48 -15.80
N GLY A 101 -6.20 14.40 -17.05
CA GLY A 101 -6.97 13.81 -18.13
C GLY A 101 -7.25 12.34 -17.88
N GLU A 102 -6.26 11.62 -17.36
CA GLU A 102 -6.44 10.21 -17.01
C GLU A 102 -7.45 10.04 -15.87
N ALA A 103 -7.34 10.92 -14.88
CA ALA A 103 -8.22 10.86 -13.71
C ALA A 103 -9.68 11.05 -14.15
N ARG A 104 -9.91 12.01 -15.04
CA ARG A 104 -11.22 12.24 -15.63
C ARG A 104 -11.76 10.99 -16.31
N GLU A 105 -10.89 10.32 -17.09
CA GLU A 105 -11.31 9.11 -17.78
C GLU A 105 -11.67 7.99 -16.80
N GLU A 106 -10.90 7.85 -15.73
CA GLU A 106 -11.21 6.79 -14.77
C GLU A 106 -12.48 7.12 -13.98
N LEU A 107 -12.67 8.38 -13.64
CA LEU A 107 -13.89 8.82 -12.95
C LEU A 107 -15.14 8.55 -13.78
N MET A 108 -15.10 8.93 -15.05
CA MET A 108 -16.23 8.76 -15.94
C MET A 108 -16.56 7.27 -16.12
N LYS A 109 -15.55 6.41 -16.18
CA LYS A 109 -15.82 4.97 -16.21
C LYS A 109 -16.57 4.52 -14.95
N MET A 110 -16.13 4.97 -13.78
CA MET A 110 -16.86 4.67 -12.54
C MET A 110 -18.31 5.11 -12.59
N LEU A 111 -18.55 6.31 -13.14
CA LEU A 111 -19.88 6.91 -13.16
C LEU A 111 -20.80 6.30 -14.21
N ASN A 112 -20.26 5.41 -15.05
CA ASN A 112 -21.08 4.68 -16.02
C ASN A 112 -21.38 3.25 -15.57
N GLU A 113 -20.98 2.90 -14.35
CA GLU A 113 -21.32 1.60 -13.78
C GLU A 113 -22.74 1.62 -13.23
N ASP A 114 -23.64 0.83 -13.83
CA ASP A 114 -25.05 0.81 -13.41
C ASP A 114 -25.19 0.37 -11.95
N GLU A 115 -24.33 -0.55 -11.53
CA GLU A 115 -24.35 -1.04 -10.14
C GLU A 115 -24.26 0.09 -9.14
N MET A 116 -23.56 1.17 -9.49
CA MET A 116 -23.44 2.29 -8.58
C MET A 116 -24.16 3.55 -9.07
N ARG A 117 -25.20 3.38 -9.86
CA ARG A 117 -25.91 4.53 -10.42
C ARG A 117 -26.49 5.47 -9.35
N ASN A 118 -26.80 4.96 -8.17
CA ASN A 118 -27.42 5.81 -7.16
C ASN A 118 -26.43 6.27 -6.09
N ALA A 119 -25.15 6.00 -6.31
CA ALA A 119 -24.13 6.49 -5.37
C ALA A 119 -23.86 7.97 -5.63
N ILE A 120 -23.75 8.75 -4.56
CA ILE A 120 -23.40 10.16 -4.67
CA ILE A 120 -23.39 10.15 -4.69
C ILE A 120 -21.88 10.24 -4.86
N LEU A 121 -21.42 11.35 -5.46
CA LEU A 121 -20.00 11.55 -5.77
C LEU A 121 -19.38 12.67 -4.94
N LEU A 122 -18.37 12.33 -4.14
CA LEU A 122 -17.53 13.32 -3.49
C LEU A 122 -16.16 13.32 -4.14
N VAL A 123 -15.74 14.47 -4.65
CA VAL A 123 -14.39 14.59 -5.19
C VAL A 123 -13.51 15.35 -4.20
N PHE A 124 -12.44 14.72 -3.70
CA PHE A 124 -11.44 15.44 -2.95
C PHE A 124 -10.35 15.97 -3.89
N ALA A 125 -10.22 17.29 -4.00
CA ALA A 125 -9.09 17.87 -4.72
C ALA A 125 -7.94 18.01 -3.72
N ASN A 126 -7.09 16.99 -3.66
CA ASN A 126 -6.17 16.78 -2.54
C ASN A 126 -4.82 17.40 -2.87
N LYS A 127 -3.97 17.52 -1.86
CA LYS A 127 -2.68 18.19 -1.95
C LYS A 127 -2.88 19.66 -2.28
N HIS A 128 -3.89 20.27 -1.64
CA HIS A 128 -4.20 21.68 -1.83
C HIS A 128 -3.09 22.58 -1.26
N ASP A 129 -2.22 22.01 -0.43
CA ASP A 129 -1.13 22.76 0.20
C ASP A 129 0.00 23.09 -0.77
N LEU A 130 -0.01 22.44 -1.93
CA LEU A 130 1.15 22.51 -2.83
C LEU A 130 1.09 23.77 -3.68
N PRO A 131 2.24 24.43 -3.83
CA PRO A 131 2.28 25.77 -4.43
C PRO A 131 1.69 25.86 -5.84
N GLN A 132 1.75 24.79 -6.64
CA GLN A 132 1.20 24.85 -7.98
C GLN A 132 -0.05 24.00 -8.13
N ALA A 133 -0.66 23.64 -7.01
CA ALA A 133 -1.92 22.91 -7.03
C ALA A 133 -2.99 23.64 -7.85
N MET A 134 -3.74 22.88 -8.64
CA MET A 134 -4.89 23.41 -9.35
C MET A 134 -5.96 23.87 -8.38
N SER A 135 -6.68 24.93 -8.76
CA SER A 135 -7.76 25.48 -7.96
C SER A 135 -8.99 24.59 -8.06
N ILE A 136 -9.93 24.76 -7.14
CA ILE A 136 -11.12 23.93 -7.16
C ILE A 136 -11.92 24.17 -8.44
N SER A 137 -11.88 25.39 -8.96
CA SER A 137 -12.49 25.71 -10.25
C SER A 137 -11.85 24.91 -11.36
N GLU A 138 -10.52 24.89 -11.38
CA GLU A 138 -9.75 24.15 -12.38
C GLU A 138 -9.99 22.65 -12.28
N VAL A 139 -9.96 22.10 -11.08
CA VAL A 139 -10.20 20.68 -10.92
C VAL A 139 -11.62 20.30 -11.33
N THR A 140 -12.60 21.13 -10.99
CA THR A 140 -14.00 20.85 -11.35
C THR A 140 -14.20 20.84 -12.86
N GLU A 141 -13.58 21.79 -13.55
CA GLU A 141 -13.68 21.86 -15.01
C GLU A 141 -12.99 20.68 -15.71
N LYS A 142 -11.76 20.41 -15.30
CA LYS A 142 -10.93 19.42 -15.95
C LYS A 142 -11.45 18.00 -15.71
N LEU A 143 -12.16 17.79 -14.61
CA LEU A 143 -12.81 16.49 -14.33
C LEU A 143 -14.19 16.40 -14.94
N GLY A 144 -14.66 17.50 -15.53
CA GLY A 144 -15.93 17.50 -16.22
C GLY A 144 -17.14 17.29 -15.33
N LEU A 145 -17.03 17.68 -14.06
CA LEU A 145 -18.11 17.43 -13.10
C LEU A 145 -19.42 18.14 -13.50
N GLN A 146 -19.34 19.32 -14.14
CA GLN A 146 -20.57 20.05 -14.48
C GLN A 146 -21.43 19.20 -15.43
N THR A 147 -20.80 18.30 -16.19
CA THR A 147 -21.52 17.46 -17.14
C THR A 147 -22.32 16.34 -16.50
N ILE A 148 -22.20 16.15 -15.18
CA ILE A 148 -22.88 15.06 -14.48
C ILE A 148 -24.36 15.34 -14.28
N LYS A 149 -25.21 14.41 -14.71
CA LYS A 149 -26.65 14.56 -14.52
C LYS A 149 -27.22 13.43 -13.66
N ASN A 150 -28.28 13.75 -12.94
CA ASN A 150 -29.00 12.76 -12.13
C ASN A 150 -28.10 12.07 -11.11
N ARG A 151 -27.12 12.80 -10.60
CA ARG A 151 -26.28 12.35 -9.49
C ARG A 151 -25.82 13.58 -8.73
N LYS A 152 -25.94 13.56 -7.40
CA LYS A 152 -25.41 14.64 -6.58
CA LYS A 152 -25.40 14.63 -6.57
C LYS A 152 -23.88 14.53 -6.54
N TRP A 153 -23.21 15.66 -6.71
CA TRP A 153 -21.76 15.65 -6.60
C TRP A 153 -21.29 16.89 -5.85
N TYR A 154 -20.10 16.79 -5.30
CA TYR A 154 -19.48 17.89 -4.59
C TYR A 154 -17.97 17.76 -4.77
N CYS A 155 -17.29 18.88 -4.94
CA CYS A 155 -15.83 18.83 -5.02
C CYS A 155 -15.27 19.68 -3.90
N GLN A 156 -14.36 19.09 -3.13
CA GLN A 156 -13.90 19.65 -1.87
C GLN A 156 -12.38 19.67 -1.82
N THR A 157 -11.78 20.82 -1.51
CA THR A 157 -10.32 20.89 -1.41
C THR A 157 -9.85 20.22 -0.11
N SER A 158 -8.72 19.52 -0.18
CA SER A 158 -8.22 18.80 1.00
C SER A 158 -6.71 18.80 1.04
N CYS A 159 -6.18 18.72 2.25
CA CYS A 159 -4.79 18.37 2.46
C CYS A 159 -4.78 17.16 3.39
N ALA A 160 -4.46 16.00 2.83
CA ALA A 160 -4.60 14.75 3.56
C ALA A 160 -3.55 14.59 4.65
N THR A 161 -2.56 15.47 4.66
CA THR A 161 -1.45 15.32 5.60
C THR A 161 -1.72 16.08 6.90
N ASN A 162 -2.53 17.14 6.83
CA ASN A 162 -2.95 17.77 8.08
C ASN A 162 -4.45 17.55 8.31
N GLY A 163 -5.14 17.04 7.29
CA GLY A 163 -6.55 16.75 7.42
C GLY A 163 -7.51 17.87 7.07
N ASP A 164 -6.98 19.03 6.71
CA ASP A 164 -7.83 20.13 6.24
C ASP A 164 -8.72 19.64 5.10
N GLY A 165 -10.00 19.94 5.21
CA GLY A 165 -10.95 19.63 4.17
C GLY A 165 -11.70 18.32 4.28
N LEU A 166 -11.10 17.32 4.93
CA LEU A 166 -11.66 15.98 4.95
C LEU A 166 -13.05 15.89 5.63
N TYR A 167 -13.21 16.53 6.77
CA TYR A 167 -14.44 16.42 7.53
C TYR A 167 -15.53 17.22 6.87
N GLU A 168 -15.14 18.32 6.23
CA GLU A 168 -16.07 19.13 5.46
C GLU A 168 -16.65 18.32 4.32
N GLY A 169 -15.80 17.60 3.59
CA GLY A 169 -16.24 16.71 2.51
C GLY A 169 -17.14 15.58 3.01
N LEU A 170 -16.77 14.97 4.11
CA LEU A 170 -17.54 13.86 4.64
C LEU A 170 -18.87 14.34 5.19
N ASP A 171 -18.88 15.55 5.75
CA ASP A 171 -20.12 16.15 6.24
C ASP A 171 -21.12 16.28 5.10
N TRP A 172 -20.65 16.72 3.95
CA TRP A 172 -21.52 16.82 2.79
C TRP A 172 -22.02 15.44 2.41
N LEU A 173 -21.12 14.46 2.39
CA LEU A 173 -21.50 13.10 2.01
C LEU A 173 -22.61 12.58 2.91
N ALA A 174 -22.44 12.76 4.22
CA ALA A 174 -23.41 12.26 5.19
C ALA A 174 -24.76 12.96 5.06
N ASP A 175 -24.73 14.22 4.67
CA ASP A 175 -25.95 15.01 4.58
C ASP A 175 -26.76 14.67 3.33
N ASN A 176 -26.12 14.04 2.36
CA ASN A 176 -26.73 13.93 1.04
C ASN A 176 -27.01 12.49 0.63
N LEU A 177 -26.89 11.57 1.58
CA LEU A 177 -27.34 10.21 1.37
C LEU A 177 -28.87 10.15 1.48
N SER B 7 8.78 -27.02 10.49
CA SER B 7 8.07 -25.83 9.99
C SER B 7 8.84 -24.56 10.33
N TRP B 8 9.00 -23.67 9.36
CA TRP B 8 9.68 -22.40 9.61
C TRP B 8 8.91 -21.61 10.68
N LEU B 9 7.60 -21.78 10.71
CA LEU B 9 6.76 -21.08 11.67
C LEU B 9 6.97 -21.59 13.10
N SER B 10 6.93 -22.91 13.25
CA SER B 10 7.08 -23.55 14.56
C SER B 10 8.41 -23.18 15.20
N LYS B 11 9.43 -22.99 14.37
CA LYS B 11 10.77 -22.60 14.84
C LYS B 11 10.80 -21.15 15.34
N LEU B 12 10.07 -20.27 14.67
CA LEU B 12 10.04 -18.87 15.09
C LEU B 12 9.18 -18.69 16.34
N LEU B 13 8.26 -19.62 16.56
CA LEU B 13 7.29 -19.50 17.66
C LEU B 13 7.96 -19.76 19.01
N GLY B 14 7.56 -18.97 20.01
CA GLY B 14 8.10 -19.09 21.35
C GLY B 14 7.83 -17.87 22.21
N LYS B 15 8.52 -17.79 23.35
CA LYS B 15 8.33 -16.68 24.29
C LYS B 15 9.04 -15.41 23.82
N LYS B 16 10.25 -15.57 23.29
CA LYS B 16 11.07 -14.42 22.90
C LYS B 16 10.54 -13.73 21.63
N GLU B 17 10.45 -12.40 21.70
CA GLU B 17 10.01 -11.57 20.58
C GLU B 17 10.89 -11.82 19.36
N MET B 18 10.24 -11.87 18.19
CA MET B 18 10.92 -12.14 16.93
C MET B 18 10.55 -11.07 15.91
N ARG B 19 11.43 -10.08 15.74
CA ARG B 19 11.15 -8.97 14.86
C ARG B 19 11.90 -9.13 13.54
N ILE B 20 11.15 -9.23 12.46
CA ILE B 20 11.73 -9.33 11.12
C ILE B 20 11.42 -8.04 10.40
N LEU B 21 12.41 -7.55 9.67
CA LEU B 21 12.28 -6.30 8.94
C LEU B 21 12.36 -6.62 7.44
N MET B 22 11.29 -6.36 6.68
CA MET B 22 11.35 -6.66 5.24
C MET B 22 11.27 -5.37 4.44
N VAL B 23 12.33 -5.07 3.70
CA VAL B 23 12.38 -3.83 2.92
C VAL B 23 12.81 -4.10 1.49
N GLY B 24 12.77 -3.04 0.68
CA GLY B 24 13.13 -3.13 -0.73
C GLY B 24 12.47 -2.00 -1.48
N LEU B 25 12.86 -1.82 -2.74
CA LEU B 25 12.29 -0.77 -3.57
C LEU B 25 10.79 -0.96 -3.75
N ASP B 26 10.09 0.12 -4.05
CA ASP B 26 8.69 0.03 -4.42
CA ASP B 26 8.69 -0.03 -4.36
C ASP B 26 8.57 -0.97 -5.57
N ALA B 27 7.52 -1.77 -5.56
CA ALA B 27 7.17 -2.72 -6.62
C ALA B 27 8.02 -4.00 -6.66
N ALA B 28 8.86 -4.20 -5.65
CA ALA B 28 9.70 -5.40 -5.58
C ALA B 28 8.87 -6.66 -5.33
N GLY B 29 7.74 -6.51 -4.66
CA GLY B 29 6.89 -7.64 -4.34
C GLY B 29 6.65 -7.89 -2.85
N LYS B 30 6.93 -6.90 -2.02
CA LYS B 30 6.90 -7.10 -0.56
C LYS B 30 5.49 -7.33 -0.01
N THR B 31 4.51 -6.55 -0.45
CA THR B 31 3.15 -6.70 0.07
C THR B 31 2.62 -8.08 -0.35
N SER B 32 2.94 -8.47 -1.57
CA SER B 32 2.52 -9.75 -2.12
C SER B 32 3.09 -10.88 -1.27
N ILE B 33 4.33 -10.71 -0.83
CA ILE B 33 4.98 -11.75 -0.04
C ILE B 33 4.27 -11.87 1.32
N LEU B 34 4.08 -10.74 1.99
CA LEU B 34 3.33 -10.71 3.26
C LEU B 34 2.00 -11.42 3.17
N TYR B 35 1.27 -11.18 2.08
CA TYR B 35 -0.07 -11.74 1.94
C TYR B 35 0.06 -13.25 1.77
N LYS B 36 1.14 -13.68 1.13
CA LYS B 36 1.29 -15.09 0.80
C LYS B 36 1.67 -15.88 2.06
N LEU B 37 2.27 -15.20 3.04
CA LEU B 37 2.69 -15.86 4.27
C LEU B 37 1.52 -16.36 5.12
N LYS B 38 0.36 -15.73 4.96
CA LYS B 38 -0.87 -16.09 5.67
C LYS B 38 -0.69 -16.15 7.20
N LEU B 39 -0.07 -15.11 7.75
CA LEU B 39 0.16 -15.04 9.20
C LEU B 39 -0.82 -14.13 9.91
N GLY B 40 -1.66 -13.43 9.17
CA GLY B 40 -2.56 -12.48 9.76
C GLY B 40 -2.79 -11.26 8.88
N GLU B 41 -3.67 -10.38 9.32
CA GLU B 41 -3.99 -9.16 8.57
C GLU B 41 -2.79 -8.26 8.38
N ILE B 42 -2.67 -7.67 7.19
CA ILE B 42 -1.67 -6.66 6.91
C ILE B 42 -2.21 -5.30 7.34
N VAL B 43 -1.55 -4.65 8.29
CA VAL B 43 -2.01 -3.33 8.75
C VAL B 43 -1.07 -2.20 8.33
N THR B 44 -1.61 -1.15 7.73
CA THR B 44 -0.82 0.00 7.32
C THR B 44 -0.91 1.15 8.33
N THR B 45 0.24 1.67 8.73
CA THR B 45 0.27 2.89 9.52
C THR B 45 1.15 3.90 8.80
N ILE B 46 1.01 5.17 9.18
CA ILE B 46 1.83 6.24 8.65
C ILE B 46 2.41 6.99 9.84
N PRO B 47 3.53 6.50 10.39
CA PRO B 47 4.11 7.08 11.61
C PRO B 47 4.56 8.51 11.38
N THR B 48 5.00 8.79 10.16
CA THR B 48 5.36 10.15 9.76
C THR B 48 4.98 10.36 8.30
N ILE B 49 4.68 11.62 7.95
CA ILE B 49 4.17 11.95 6.64
C ILE B 49 5.01 11.40 5.48
N GLY B 50 4.40 10.54 4.68
CA GLY B 50 5.07 9.98 3.51
C GLY B 50 5.69 8.61 3.76
N PHE B 51 5.70 8.20 5.02
CA PHE B 51 6.32 6.93 5.42
C PHE B 51 5.23 5.91 5.74
N ASN B 52 4.88 5.06 4.78
CA ASN B 52 3.86 4.04 4.96
C ASN B 52 4.50 2.75 5.47
N VAL B 53 4.00 2.23 6.58
CA VAL B 53 4.55 1.00 7.17
C VAL B 53 3.48 -0.08 7.18
N GLU B 54 3.79 -1.26 6.65
CA GLU B 54 2.87 -2.39 6.76
C GLU B 54 3.37 -3.37 7.82
N THR B 55 2.45 -3.93 8.59
CA THR B 55 2.81 -4.81 9.72
C THR B 55 1.94 -6.04 9.78
N VAL B 56 2.56 -7.21 9.96
CA VAL B 56 1.83 -8.44 10.27
C VAL B 56 2.38 -8.97 11.58
N GLU B 57 1.50 -9.22 12.53
CA GLU B 57 1.91 -9.72 13.85
C GLU B 57 1.15 -11.00 14.18
N TYR B 58 1.88 -12.02 14.57
CA TYR B 58 1.32 -13.31 14.93
C TYR B 58 2.04 -13.88 16.13
N LYS B 59 1.34 -13.97 17.25
CA LYS B 59 1.95 -14.34 18.53
C LYS B 59 3.19 -13.48 18.77
N ASN B 60 4.36 -14.11 18.84
CA ASN B 60 5.61 -13.41 19.14
C ASN B 60 6.35 -12.92 17.91
N ILE B 61 5.76 -13.13 16.73
CA ILE B 61 6.43 -12.78 15.48
CA ILE B 61 6.41 -12.78 15.46
C ILE B 61 5.80 -11.55 14.84
N SER B 62 6.66 -10.62 14.42
CA SER B 62 6.20 -9.45 13.71
C SER B 62 7.06 -9.22 12.47
N PHE B 63 6.39 -8.95 11.35
CA PHE B 63 7.03 -8.52 10.12
C PHE B 63 6.71 -7.06 9.99
N THR B 64 7.73 -6.26 9.76
CA THR B 64 7.54 -4.84 9.50
C THR B 64 8.12 -4.51 8.14
N VAL B 65 7.31 -3.85 7.30
CA VAL B 65 7.65 -3.66 5.90
C VAL B 65 7.56 -2.20 5.49
N TRP B 66 8.58 -1.71 4.78
CA TRP B 66 8.43 -0.43 4.10
C TRP B 66 9.30 -0.34 2.85
N ASP B 67 9.06 0.69 2.04
CA ASP B 67 9.82 0.87 0.80
C ASP B 67 11.04 1.72 1.13
N VAL B 68 12.16 1.39 0.50
CA VAL B 68 13.38 2.18 0.64
C VAL B 68 13.67 2.78 -0.74
N GLY B 69 14.61 3.71 -0.81
CA GLY B 69 14.93 4.33 -2.09
C GLY B 69 13.89 5.34 -2.51
N GLY B 70 13.94 5.76 -3.78
CA GLY B 70 13.00 6.73 -4.31
C GLY B 70 13.32 8.16 -3.90
N TYR B 81 12.68 1.83 14.06
CA TYR B 81 12.22 0.45 14.15
C TYR B 81 13.39 -0.51 13.94
N TYR B 82 14.59 -0.09 14.32
CA TYR B 82 15.78 -0.90 14.13
C TYR B 82 16.16 -1.65 15.41
N GLN B 83 15.50 -1.30 16.51
CA GLN B 83 15.77 -1.93 17.79
C GLN B 83 15.36 -3.40 17.76
N ASN B 84 16.23 -4.25 18.31
CA ASN B 84 15.94 -5.68 18.49
C ASN B 84 15.51 -6.38 17.20
N THR B 85 16.11 -6.00 16.06
CA THR B 85 15.83 -6.62 14.78
C THR B 85 16.67 -7.88 14.60
N GLN B 86 16.02 -9.03 14.46
CA GLN B 86 16.75 -10.29 14.41
CA GLN B 86 16.70 -10.31 14.41
C GLN B 86 17.12 -10.65 12.98
N ALA B 87 16.36 -10.14 12.03
CA ALA B 87 16.56 -10.50 10.63
C ALA B 87 16.05 -9.42 9.71
N ILE B 88 16.79 -9.22 8.62
CA ILE B 88 16.41 -8.35 7.54
C ILE B 88 16.09 -9.19 6.31
N ILE B 89 14.90 -9.01 5.75
CA ILE B 89 14.59 -9.59 4.47
C ILE B 89 14.63 -8.48 3.44
N PHE B 90 15.52 -8.60 2.45
CA PHE B 90 15.55 -7.62 1.36
C PHE B 90 14.95 -8.23 0.11
N VAL B 91 13.93 -7.59 -0.45
CA VAL B 91 13.23 -8.12 -1.62
C VAL B 91 13.64 -7.32 -2.84
N VAL B 92 14.11 -8.01 -3.88
CA VAL B 92 14.51 -7.37 -5.13
CA VAL B 92 14.49 -7.34 -5.12
C VAL B 92 13.71 -7.92 -6.31
N ASP B 93 13.30 -7.05 -7.23
CA ASP B 93 12.64 -7.45 -8.46
C ASP B 93 13.70 -8.01 -9.41
N SER B 94 13.72 -9.33 -9.61
CA SER B 94 14.74 -9.98 -10.43
C SER B 94 14.70 -9.56 -11.90
N ASN B 95 13.59 -8.96 -12.32
CA ASN B 95 13.37 -8.59 -13.73
C ASN B 95 13.70 -7.11 -13.97
N ASP B 96 14.16 -6.41 -12.94
CA ASP B 96 14.32 -4.95 -13.05
C ASP B 96 15.79 -4.53 -13.00
N ARG B 97 16.45 -4.69 -14.14
CA ARG B 97 17.87 -4.43 -14.29
C ARG B 97 18.24 -2.98 -14.07
N ASP B 98 17.36 -2.08 -14.45
CA ASP B 98 17.64 -0.65 -14.32
C ASP B 98 17.72 -0.15 -12.89
N ARG B 99 17.11 -0.87 -11.96
CA ARG B 99 17.01 -0.43 -10.57
C ARG B 99 17.79 -1.29 -9.58
N ILE B 100 18.47 -2.33 -10.04
CA ILE B 100 19.16 -3.22 -9.10
C ILE B 100 20.34 -2.47 -8.47
N GLY B 101 20.93 -1.51 -9.17
CA GLY B 101 21.99 -0.69 -8.58
C GLY B 101 21.49 0.12 -7.39
N GLU B 102 20.27 0.65 -7.52
CA GLU B 102 19.61 1.39 -6.45
C GLU B 102 19.28 0.46 -5.29
N ALA B 103 18.88 -0.77 -5.62
CA ALA B 103 18.60 -1.78 -4.60
C ALA B 103 19.87 -2.10 -3.82
N ARG B 104 20.98 -2.26 -4.53
CA ARG B 104 22.27 -2.46 -3.89
C ARG B 104 22.60 -1.30 -2.97
N GLU B 105 22.38 -0.07 -3.42
CA GLU B 105 22.80 1.07 -2.62
C GLU B 105 21.99 1.12 -1.32
N GLU B 106 20.69 0.88 -1.41
CA GLU B 106 19.83 0.89 -0.23
C GLU B 106 20.11 -0.29 0.67
N LEU B 107 20.40 -1.45 0.10
CA LEU B 107 20.75 -2.58 0.94
C LEU B 107 22.02 -2.26 1.73
N MET B 108 23.04 -1.73 1.04
CA MET B 108 24.33 -1.47 1.67
C MET B 108 24.20 -0.40 2.75
N LYS B 109 23.33 0.58 2.54
CA LYS B 109 23.06 1.62 3.54
C LYS B 109 22.54 1.01 4.84
N MET B 110 21.58 0.12 4.69
CA MET B 110 20.95 -0.55 5.81
CA MET B 110 20.95 -0.53 5.82
C MET B 110 21.92 -1.44 6.58
N LEU B 111 22.71 -2.20 5.84
CA LEU B 111 23.67 -3.10 6.48
C LEU B 111 24.79 -2.34 7.22
N ASN B 112 24.88 -1.03 7.01
CA ASN B 112 25.91 -0.20 7.66
CA ASN B 112 25.90 -0.20 7.68
C ASN B 112 25.38 0.43 8.96
N GLU B 113 24.08 0.28 9.20
CA GLU B 113 23.47 0.80 10.42
C GLU B 113 23.87 -0.03 11.65
N ASP B 114 24.32 0.66 12.69
CA ASP B 114 24.89 0.00 13.86
C ASP B 114 23.85 -0.85 14.58
N GLU B 115 22.64 -0.31 14.70
CA GLU B 115 21.54 -0.96 15.41
C GLU B 115 21.20 -2.35 14.90
N MET B 116 21.65 -2.65 13.69
CA MET B 116 21.26 -3.91 13.06
C MET B 116 22.41 -4.80 12.62
N ARG B 117 23.60 -4.58 13.16
CA ARG B 117 24.77 -5.37 12.75
C ARG B 117 24.57 -6.85 13.05
N ASN B 118 23.75 -7.15 14.06
CA ASN B 118 23.52 -8.52 14.52
C ASN B 118 22.43 -9.28 13.75
N ALA B 119 21.74 -8.59 12.83
CA ALA B 119 20.67 -9.23 12.07
C ALA B 119 21.23 -10.05 10.94
N ILE B 120 20.69 -11.25 10.74
CA ILE B 120 21.02 -12.05 9.56
C ILE B 120 20.23 -11.52 8.39
N LEU B 121 20.70 -11.77 7.17
CA LEU B 121 20.08 -11.19 6.00
C LEU B 121 19.56 -12.23 5.01
N LEU B 122 18.27 -12.17 4.67
CA LEU B 122 17.73 -13.04 3.64
C LEU B 122 17.37 -12.16 2.47
N VAL B 123 17.89 -12.49 1.30
CA VAL B 123 17.56 -11.74 0.09
C VAL B 123 16.64 -12.60 -0.76
N PHE B 124 15.46 -12.08 -1.08
CA PHE B 124 14.58 -12.73 -2.02
C PHE B 124 14.79 -12.09 -3.37
N ALA B 125 15.29 -12.87 -4.32
CA ALA B 125 15.35 -12.45 -5.72
C ALA B 125 14.00 -12.80 -6.32
N ASN B 126 13.05 -11.87 -6.19
CA ASN B 126 11.64 -12.12 -6.45
C ASN B 126 11.34 -11.96 -7.92
N LYS B 127 10.14 -12.37 -8.34
CA LYS B 127 9.68 -12.35 -9.75
C LYS B 127 10.56 -13.27 -10.63
N HIS B 128 11.00 -14.37 -10.05
CA HIS B 128 11.82 -15.35 -10.75
C HIS B 128 11.03 -16.09 -11.85
N ASP B 129 9.71 -15.95 -11.86
CA ASP B 129 8.87 -16.59 -12.86
C ASP B 129 8.98 -15.90 -14.22
N LEU B 130 9.38 -14.64 -14.23
CA LEU B 130 9.42 -13.89 -15.48
C LEU B 130 10.58 -14.34 -16.38
N PRO B 131 10.31 -14.50 -17.68
CA PRO B 131 11.22 -15.13 -18.64
C PRO B 131 12.53 -14.35 -18.83
N GLN B 132 12.54 -13.06 -18.55
CA GLN B 132 13.74 -12.26 -18.73
C GLN B 132 14.43 -11.96 -17.40
N ALA B 133 14.01 -12.63 -16.33
CA ALA B 133 14.59 -12.34 -15.02
C ALA B 133 16.11 -12.59 -14.98
N MET B 134 16.82 -11.77 -14.19
CA MET B 134 18.22 -12.03 -13.89
C MET B 134 18.35 -13.34 -13.10
N SER B 135 19.39 -14.11 -13.37
CA SER B 135 19.67 -15.33 -12.61
C SER B 135 20.12 -14.99 -11.20
N ILE B 136 20.11 -15.98 -10.30
CA ILE B 136 20.45 -15.73 -8.90
C ILE B 136 21.93 -15.30 -8.75
N SER B 137 22.81 -15.90 -9.55
CA SER B 137 24.22 -15.52 -9.52
C SER B 137 24.38 -14.05 -9.91
N GLU B 138 23.62 -13.59 -10.90
CA GLU B 138 23.74 -12.20 -11.32
C GLU B 138 23.13 -11.22 -10.30
N VAL B 139 22.00 -11.59 -9.69
CA VAL B 139 21.41 -10.77 -8.63
C VAL B 139 22.42 -10.64 -7.50
N THR B 140 22.95 -11.79 -7.09
CA THR B 140 23.95 -11.87 -6.01
C THR B 140 25.11 -10.95 -6.27
N GLU B 141 25.55 -10.91 -7.52
CA GLU B 141 26.71 -10.13 -7.93
C GLU B 141 26.42 -8.64 -7.99
N LYS B 142 25.28 -8.28 -8.59
CA LYS B 142 24.89 -6.89 -8.72
C LYS B 142 24.39 -6.29 -7.42
N LEU B 143 24.08 -7.14 -6.45
CA LEU B 143 23.82 -6.63 -5.11
C LEU B 143 25.07 -6.63 -4.23
N GLY B 144 26.17 -7.18 -4.70
CA GLY B 144 27.41 -7.10 -3.94
C GLY B 144 27.42 -7.98 -2.70
N LEU B 145 26.57 -9.01 -2.70
CA LEU B 145 26.37 -9.83 -1.51
C LEU B 145 27.66 -10.48 -1.05
N GLN B 146 28.50 -10.85 -1.99
CA GLN B 146 29.71 -11.55 -1.61
C GLN B 146 30.64 -10.64 -0.80
N THR B 147 30.55 -9.32 -0.97
CA THR B 147 31.40 -8.36 -0.25
C THR B 147 31.01 -8.19 1.23
N ILE B 148 29.91 -8.82 1.63
CA ILE B 148 29.41 -8.74 3.02
C ILE B 148 30.19 -9.66 3.96
N LYS B 149 30.84 -9.07 4.96
CA LYS B 149 31.56 -9.87 5.96
C LYS B 149 30.96 -9.67 7.36
N ASN B 150 31.18 -10.63 8.25
CA ASN B 150 30.63 -10.60 9.61
C ASN B 150 29.10 -10.51 9.62
N ARG B 151 28.47 -11.11 8.62
CA ARG B 151 27.02 -11.26 8.63
C ARG B 151 26.61 -12.51 7.86
N LYS B 152 25.71 -13.30 8.45
CA LYS B 152 25.16 -14.46 7.77
C LYS B 152 24.11 -14.01 6.76
N TRP B 153 24.24 -14.46 5.51
CA TRP B 153 23.31 -14.04 4.49
C TRP B 153 22.97 -15.22 3.57
N TYR B 154 21.91 -15.06 2.82
CA TYR B 154 21.43 -16.10 1.92
C TYR B 154 20.60 -15.43 0.85
N CYS B 155 20.75 -15.86 -0.39
CA CYS B 155 19.94 -15.36 -1.49
C CYS B 155 19.07 -16.51 -1.99
N GLN B 156 17.77 -16.25 -2.13
CA GLN B 156 16.77 -17.24 -2.53
C GLN B 156 15.88 -16.68 -3.63
N THR B 157 15.66 -17.44 -4.71
CA THR B 157 14.74 -16.99 -5.73
C THR B 157 13.32 -17.16 -5.21
N SER B 158 12.42 -16.30 -5.65
CA SER B 158 11.04 -16.48 -5.25
C SER B 158 10.08 -16.01 -6.30
N CYS B 159 8.87 -16.56 -6.22
CA CYS B 159 7.74 -16.00 -6.95
CA CYS B 159 7.72 -16.05 -6.97
C CYS B 159 6.61 -15.76 -5.97
N ALA B 160 6.27 -14.48 -5.78
CA ALA B 160 5.28 -14.10 -4.78
C ALA B 160 3.87 -14.45 -5.23
N THR B 161 3.71 -14.70 -6.53
CA THR B 161 2.39 -15.00 -7.06
C THR B 161 1.89 -16.40 -6.71
N ASN B 162 2.81 -17.37 -6.70
CA ASN B 162 2.46 -18.76 -6.39
C ASN B 162 3.21 -19.32 -5.19
N GLY B 163 4.01 -18.49 -4.52
CA GLY B 163 4.67 -18.90 -3.30
C GLY B 163 5.96 -19.70 -3.43
N ASP B 164 6.37 -19.99 -4.67
CA ASP B 164 7.65 -20.66 -4.93
C ASP B 164 8.79 -19.93 -4.23
N GLY B 165 9.56 -20.65 -3.42
CA GLY B 165 10.77 -20.10 -2.85
C GLY B 165 10.60 -19.50 -1.47
N LEU B 166 9.38 -19.12 -1.13
CA LEU B 166 9.18 -18.36 0.09
C LEU B 166 9.47 -19.23 1.31
N TYR B 167 8.91 -20.43 1.32
CA TYR B 167 9.11 -21.35 2.44
C TYR B 167 10.59 -21.71 2.61
N GLU B 168 11.29 -21.90 1.49
CA GLU B 168 12.71 -22.23 1.52
C GLU B 168 13.51 -21.11 2.17
N GLY B 169 13.23 -19.89 1.77
CA GLY B 169 13.88 -18.72 2.34
C GLY B 169 13.60 -18.58 3.83
N LEU B 170 12.32 -18.66 4.20
CA LEU B 170 11.94 -18.49 5.61
C LEU B 170 12.51 -19.60 6.49
N ASP B 171 12.68 -20.78 5.92
CA ASP B 171 13.24 -21.91 6.65
C ASP B 171 14.72 -21.69 6.93
N TRP B 172 15.41 -21.12 5.97
CA TRP B 172 16.79 -20.73 6.19
C TRP B 172 16.83 -19.68 7.29
N LEU B 173 15.90 -18.72 7.24
CA LEU B 173 15.89 -17.63 8.23
C LEU B 173 15.66 -18.20 9.63
N ALA B 174 14.66 -19.06 9.78
CA ALA B 174 14.35 -19.64 11.10
C ALA B 174 15.53 -20.49 11.64
N ASP B 175 16.23 -21.18 10.75
CA ASP B 175 17.33 -22.05 11.16
C ASP B 175 18.52 -21.26 11.70
N ASN B 176 18.78 -20.11 11.12
CA ASN B 176 20.05 -19.41 11.29
C ASN B 176 19.96 -18.20 12.20
N LEU B 177 18.92 -18.15 13.03
CA LEU B 177 18.84 -17.15 14.08
C LEU B 177 19.63 -17.61 15.30
PB GDP C . -2.36 6.58 -2.49
O1B GDP C . -2.87 5.75 -1.33
O2B GDP C . -3.50 7.19 -3.27
O3B GDP C . -1.47 5.77 -3.41
O3A GDP C . -1.52 7.87 -1.94
PA GDP C . -0.75 7.95 -0.54
O1A GDP C . -1.74 8.27 0.59
O2A GDP C . 0.05 6.71 -0.29
O5' GDP C . 0.10 9.31 -0.75
C5' GDP C . 1.05 9.49 -1.80
C4' GDP C . 2.07 10.54 -1.40
O4' GDP C . 1.48 11.85 -1.46
C3' GDP C . 2.52 10.32 0.03
O3' GDP C . 3.90 10.68 0.11
C2' GDP C . 1.73 11.31 0.84
O2' GDP C . 2.37 11.73 2.07
C1' GDP C . 1.58 12.44 -0.15
N9 GDP C . 0.34 13.17 0.12
C8 GDP C . -0.89 12.66 0.30
N7 GDP C . -1.79 13.65 0.52
C5 GDP C . -1.10 14.82 0.45
C6 GDP C . -1.42 16.25 0.56
O6 GDP C . -2.60 16.65 0.80
N1 GDP C . -0.40 17.12 0.41
C2 GDP C . 0.87 16.74 0.16
N2 GDP C . 1.82 17.70 0.03
N3 GDP C . 1.24 15.45 0.04
C4 GDP C . 0.30 14.48 0.18
MG MG D . -2.34 3.88 -1.19
PB GDP E . 5.74 -3.79 -3.09
O1B GDP E . 4.85 -4.07 -1.89
O2B GDP E . 7.18 -4.16 -2.85
O3B GDP E . 5.60 -2.36 -3.58
O3A GDP E . 5.28 -4.74 -4.32
PA GDP E . 3.85 -5.45 -4.56
O1A GDP E . 3.63 -6.64 -3.66
O2A GDP E . 2.71 -4.48 -4.57
O5' GDP E . 4.11 -5.98 -6.06
C5' GDP E . 4.15 -5.04 -7.14
C4' GDP E . 3.69 -5.69 -8.43
O4' GDP E . 4.53 -6.80 -8.72
C3' GDP E . 2.28 -6.24 -8.34
O3' GDP E . 1.66 -5.96 -9.60
C2' GDP E . 2.43 -7.74 -8.23
O2' GDP E . 1.39 -8.41 -8.94
C1' GDP E . 3.75 -7.98 -8.93
N9 GDP E . 4.51 -9.11 -8.35
C8 GDP E . 4.88 -9.30 -7.07
N7 GDP E . 5.59 -10.44 -6.92
C5 GDP E . 5.68 -11.00 -8.16
C6 GDP E . 6.29 -12.21 -8.73
O6 GDP E . 6.90 -13.01 -7.99
N1 GDP E . 6.14 -12.41 -10.03
C2 GDP E . 5.49 -11.56 -10.84
N2 GDP E . 5.38 -11.84 -12.17
N3 GDP E . 4.90 -10.43 -10.38
C4 GDP E . 4.97 -10.12 -9.08
MG MG F . 3.75 -2.62 -0.99
#